data_5HWW
#
_entry.id   5HWW
#
_cell.length_a   45.387
_cell.length_b   51.016
_cell.length_c   100.728
_cell.angle_alpha   90.00
_cell.angle_beta   90.00
_cell.angle_gamma   90.00
#
_symmetry.space_group_name_H-M   'P 21 21 21'
#
loop_
_entity.id
_entity.type
_entity.pdbx_description
1 polymer 'Sensor histidine kinase TodS'
2 non-polymer 1,2,4-trimethylbenzene
3 water water
#
_entity_poly.entity_id   1
_entity_poly.type   'polypeptide(L)'
_entity_poly.pdbx_seq_one_letter_code
;GAMALYEFVGLLDAHGNVLEVNQVALEGGGITLEEIRGKPFWKARWWQISKKTEATQKRLVETASSGEFVRCDVEILGKS
GGREVIAVDFSLLPICNEEGSIVYLLAEGRNITDKKKAEAMLALKNQELE
;
_entity_poly.pdbx_strand_id   A,B
#
loop_
_chem_comp.id
_chem_comp.type
_chem_comp.name
_chem_comp.formula
XBZ non-polymer 1,2,4-trimethylbenzene 'C9 H12'
#
# COMPACT_ATOMS: atom_id res chain seq x y z
N GLY A 1 12.74 4.61 12.33
CA GLY A 1 13.86 3.64 12.11
C GLY A 1 13.38 2.57 11.16
N ALA A 2 14.10 1.43 11.10
CA ALA A 2 13.74 0.30 10.19
C ALA A 2 12.64 -0.65 10.76
N MET A 3 12.11 -1.53 9.90
CA MET A 3 11.13 -2.60 10.25
C MET A 3 11.26 -3.71 9.19
N ALA A 4 11.07 -4.99 9.59
CA ALA A 4 11.11 -6.11 8.61
C ALA A 4 10.17 -5.73 7.46
N LEU A 5 10.56 -6.00 6.21
CA LEU A 5 9.75 -5.58 5.06
C LEU A 5 8.44 -6.40 4.96
N TYR A 6 7.33 -5.76 4.60
CA TYR A 6 6.10 -6.60 4.39
C TYR A 6 6.37 -7.63 3.30
N GLU A 7 5.57 -8.67 3.25
CA GLU A 7 5.58 -9.52 2.07
C GLU A 7 4.24 -9.26 1.35
N PHE A 8 3.11 -9.23 2.08
CA PHE A 8 1.79 -8.89 1.48
C PHE A 8 1.44 -7.46 1.85
N VAL A 9 0.83 -6.73 0.90
CA VAL A 9 0.40 -5.34 1.20
C VAL A 9 -0.83 -4.99 0.33
N GLY A 10 -1.75 -4.24 0.90
CA GLY A 10 -2.90 -3.84 0.17
C GLY A 10 -3.44 -2.53 0.68
N LEU A 11 -4.09 -1.75 -0.20
CA LEU A 11 -4.71 -0.51 0.21
C LEU A 11 -6.22 -0.64 0.12
N LEU A 12 -6.89 -0.34 1.23
CA LEU A 12 -8.35 -0.43 1.25
C LEU A 12 -8.91 0.95 1.37
N ASP A 13 -10.16 1.15 0.95
CA ASP A 13 -10.81 2.43 1.27
C ASP A 13 -11.19 2.38 2.73
N ALA A 14 -11.77 3.49 3.22
CA ALA A 14 -12.15 3.65 4.64
C ALA A 14 -13.14 2.58 5.13
N HIS A 15 -13.84 1.96 4.20
CA HIS A 15 -14.77 0.93 4.58
C HIS A 15 -14.28 -0.48 4.36
N GLY A 16 -13.02 -0.61 3.96
CA GLY A 16 -12.40 -1.91 3.71
C GLY A 16 -12.63 -2.48 2.31
N ASN A 17 -13.15 -1.69 1.35
CA ASN A 17 -13.16 -2.17 -0.08
C ASN A 17 -11.77 -2.17 -0.68
N VAL A 18 -11.44 -3.20 -1.43
CA VAL A 18 -10.08 -3.37 -2.03
C VAL A 18 -9.81 -2.32 -3.13
N LEU A 19 -8.75 -1.54 -2.95
CA LEU A 19 -8.31 -0.63 -3.99
C LEU A 19 -7.08 -1.14 -4.68
N GLU A 20 -6.05 -1.63 -3.95
CA GLU A 20 -4.78 -2.07 -4.56
C GLU A 20 -4.21 -3.25 -3.77
N VAL A 21 -3.47 -4.13 -4.45
CA VAL A 21 -2.88 -5.31 -3.78
C VAL A 21 -1.62 -5.64 -4.56
N ASN A 22 -0.51 -5.93 -3.87
CA ASN A 22 0.69 -6.28 -4.56
C ASN A 22 0.64 -7.73 -5.14
N GLN A 23 1.54 -7.99 -6.06
CA GLN A 23 1.53 -9.21 -6.85
C GLN A 23 1.74 -10.42 -5.92
N VAL A 24 2.59 -10.25 -4.93
CA VAL A 24 2.93 -11.39 -4.01
C VAL A 24 1.67 -11.86 -3.28
N ALA A 25 0.84 -10.92 -2.81
CA ALA A 25 -0.37 -11.29 -2.07
C ALA A 25 -1.40 -11.95 -2.99
N LEU A 26 -1.54 -11.41 -4.19
CA LEU A 26 -2.49 -11.92 -5.17
C LEU A 26 -2.05 -13.35 -5.58
N GLU A 27 -0.78 -13.55 -5.88
CA GLU A 27 -0.41 -14.91 -6.35
C GLU A 27 -0.41 -15.92 -5.18
N GLY A 28 -0.05 -15.48 -3.97
CA GLY A 28 -0.17 -16.34 -2.75
C GLY A 28 -1.62 -16.82 -2.56
N GLY A 29 -2.60 -15.92 -2.72
CA GLY A 29 -4.00 -16.34 -2.64
C GLY A 29 -4.66 -16.92 -3.90
N GLY A 30 -3.94 -16.94 -5.02
CA GLY A 30 -4.46 -17.38 -6.33
C GLY A 30 -5.61 -16.53 -6.86
N ILE A 31 -5.49 -15.21 -6.77
CA ILE A 31 -6.59 -14.36 -7.26
C ILE A 31 -6.06 -13.20 -8.04
N THR A 32 -6.90 -12.58 -8.84
CA THR A 32 -6.43 -11.41 -9.61
C THR A 32 -7.03 -10.16 -8.95
N LEU A 33 -6.37 -9.02 -9.10
CA LEU A 33 -6.89 -7.81 -8.51
C LEU A 33 -8.36 -7.60 -8.96
N GLU A 34 -8.60 -7.87 -10.23
CA GLU A 34 -9.93 -7.62 -10.83
C GLU A 34 -11.06 -8.46 -10.14
N GLU A 35 -10.74 -9.62 -9.57
CA GLU A 35 -11.71 -10.42 -8.83
C GLU A 35 -12.17 -9.74 -7.57
N ILE A 36 -11.33 -8.89 -6.98
CA ILE A 36 -11.62 -8.47 -5.62
C ILE A 36 -11.73 -6.97 -5.51
N ARG A 37 -11.37 -6.28 -6.57
CA ARG A 37 -11.37 -4.79 -6.52
C ARG A 37 -12.76 -4.25 -6.25
N GLY A 38 -12.86 -3.28 -5.34
CA GLY A 38 -14.14 -2.62 -5.13
C GLY A 38 -15.09 -3.37 -4.20
N LYS A 39 -14.59 -4.45 -3.58
CA LYS A 39 -15.42 -5.31 -2.72
C LYS A 39 -14.68 -5.48 -1.42
N PRO A 40 -15.40 -5.90 -0.32
CA PRO A 40 -14.79 -5.87 1.00
C PRO A 40 -13.60 -6.84 1.05
N PHE A 41 -12.50 -6.38 1.64
CA PHE A 41 -11.30 -7.19 1.88
C PHE A 41 -11.64 -8.55 2.50
N TRP A 42 -12.57 -8.58 3.46
CA TRP A 42 -12.89 -9.85 4.17
C TRP A 42 -13.52 -10.90 3.29
N LYS A 43 -14.03 -10.52 2.13
CA LYS A 43 -14.53 -11.48 1.20
C LYS A 43 -13.46 -12.12 0.32
N ALA A 44 -12.28 -11.52 0.28
CA ALA A 44 -11.16 -12.06 -0.53
C ALA A 44 -10.75 -13.44 -0.06
N ARG A 45 -10.18 -14.23 -0.98
CA ARG A 45 -9.89 -15.67 -0.74
C ARG A 45 -9.05 -15.92 0.53
N TRP A 46 -8.10 -15.01 0.84
CA TRP A 46 -7.20 -15.19 2.00
C TRP A 46 -7.96 -15.50 3.29
N TRP A 47 -9.15 -14.90 3.43
CA TRP A 47 -9.85 -14.89 4.68
C TRP A 47 -10.94 -15.95 4.67
N GLN A 48 -10.91 -16.85 3.69
CA GLN A 48 -12.02 -17.79 3.50
C GLN A 48 -11.78 -19.15 4.13
N ILE A 49 -10.84 -19.30 5.05
CA ILE A 49 -10.75 -20.58 5.74
C ILE A 49 -12.15 -21.02 6.29
N SER A 50 -12.88 -20.17 7.01
CA SER A 50 -14.28 -20.52 7.42
C SER A 50 -15.12 -19.25 7.53
N LYS A 51 -16.43 -19.41 7.76
CA LYS A 51 -17.30 -18.27 8.05
C LYS A 51 -16.75 -17.39 9.19
N LYS A 52 -16.06 -18.03 10.12
CA LYS A 52 -15.50 -17.32 11.26
C LYS A 52 -14.35 -16.40 10.91
N THR A 53 -13.38 -16.89 10.13
CA THR A 53 -12.14 -16.12 9.80
C THR A 53 -12.60 -14.94 8.96
N GLU A 54 -13.59 -15.19 8.11
CA GLU A 54 -14.20 -14.12 7.40
C GLU A 54 -14.79 -13.06 8.34
N ALA A 55 -15.61 -13.51 9.26
CA ALA A 55 -16.30 -12.68 10.25
C ALA A 55 -15.33 -11.88 11.07
N THR A 56 -14.26 -12.53 11.50
CA THR A 56 -13.18 -11.94 12.20
C THR A 56 -12.49 -10.80 11.40
N GLN A 57 -12.10 -11.04 10.15
CA GLN A 57 -11.45 -9.97 9.35
C GLN A 57 -12.39 -8.79 9.17
N LYS A 58 -13.68 -9.07 9.01
CA LYS A 58 -14.66 -8.01 8.90
C LYS A 58 -14.63 -7.05 10.15
N ARG A 59 -14.51 -7.63 11.34
CA ARG A 59 -14.59 -6.85 12.54
C ARG A 59 -13.31 -6.00 12.66
N LEU A 60 -12.18 -6.61 12.32
CA LEU A 60 -10.90 -5.87 12.28
C LEU A 60 -10.85 -4.68 11.32
N VAL A 61 -11.38 -4.89 10.14
CA VAL A 61 -11.54 -3.82 9.18
C VAL A 61 -12.45 -2.74 9.77
N GLU A 62 -13.54 -3.10 10.46
CA GLU A 62 -14.43 -2.08 11.05
C GLU A 62 -13.72 -1.39 12.17
N THR A 63 -12.95 -2.12 12.96
CA THR A 63 -12.15 -1.44 13.99
C THR A 63 -11.16 -0.41 13.43
N ALA A 64 -10.39 -0.86 12.46
CA ALA A 64 -9.46 0.04 11.75
C ALA A 64 -10.13 1.25 11.10
N SER A 65 -11.31 1.05 10.49
CA SER A 65 -12.11 2.16 9.93
C SER A 65 -12.42 3.22 10.91
N SER A 66 -12.54 2.87 12.20
CA SER A 66 -12.88 3.91 13.19
C SER A 66 -11.64 4.61 13.76
N GLY A 67 -10.47 4.14 13.35
CA GLY A 67 -9.19 4.73 13.70
C GLY A 67 -8.30 3.91 14.60
N GLU A 68 -8.66 2.68 14.91
CA GLU A 68 -7.84 1.91 15.83
C GLU A 68 -6.85 1.04 15.02
N PHE A 69 -5.59 1.02 15.40
CA PHE A 69 -4.62 0.18 14.77
C PHE A 69 -4.87 -1.26 15.12
N VAL A 70 -4.76 -2.11 14.12
CA VAL A 70 -4.98 -3.59 14.29
C VAL A 70 -3.69 -4.38 14.09
N ARG A 71 -3.44 -5.36 14.95
CA ARG A 71 -2.31 -6.25 14.74
C ARG A 71 -2.50 -7.58 15.43
N CYS A 72 -2.40 -8.69 14.67
CA CYS A 72 -2.60 -9.99 15.27
C CYS A 72 -2.01 -11.05 14.39
N ASP A 73 -1.67 -12.18 15.00
CA ASP A 73 -1.20 -13.36 14.25
C ASP A 73 -2.47 -14.10 13.80
N VAL A 74 -2.52 -14.50 12.54
CA VAL A 74 -3.65 -15.29 12.02
C VAL A 74 -3.18 -16.17 10.85
N GLU A 75 -3.98 -17.18 10.55
CA GLU A 75 -3.68 -18.09 9.47
C GLU A 75 -4.59 -17.76 8.36
N ILE A 76 -4.04 -17.68 7.15
CA ILE A 76 -4.79 -17.37 5.95
C ILE A 76 -4.46 -18.35 4.83
N LEU A 77 -5.29 -18.32 3.78
CA LEU A 77 -5.11 -19.09 2.59
C LEU A 77 -4.20 -18.28 1.73
N GLY A 78 -2.91 -18.49 1.89
CA GLY A 78 -2.00 -17.52 1.39
C GLY A 78 -0.84 -18.11 0.63
N LYS A 79 -0.89 -19.42 0.36
CA LYS A 79 0.18 -20.04 -0.42
C LYS A 79 -0.40 -21.07 -1.38
N SER A 80 0.36 -21.38 -2.43
CA SER A 80 -0.03 -22.32 -3.50
C SER A 80 -1.35 -21.88 -4.13
N GLY A 81 -1.38 -20.67 -4.62
CA GLY A 81 -2.64 -20.11 -5.14
C GLY A 81 -3.87 -20.26 -4.25
N GLY A 82 -3.75 -19.89 -2.99
CA GLY A 82 -4.89 -19.88 -2.08
C GLY A 82 -5.33 -21.25 -1.60
N ARG A 83 -4.54 -22.28 -1.89
CA ARG A 83 -4.88 -23.61 -1.46
C ARG A 83 -4.30 -24.06 -0.07
N GLU A 84 -3.13 -23.55 0.31
CA GLU A 84 -2.43 -23.93 1.56
C GLU A 84 -2.42 -22.78 2.57
N VAL A 85 -2.49 -23.15 3.84
CA VAL A 85 -2.60 -22.20 4.95
C VAL A 85 -1.20 -21.79 5.40
N ILE A 86 -1.02 -20.50 5.63
CA ILE A 86 0.21 -19.94 6.24
C ILE A 86 -0.17 -19.02 7.41
N ALA A 87 0.71 -18.91 8.40
CA ALA A 87 0.53 -18.00 9.51
C ALA A 87 1.16 -16.70 9.11
N VAL A 88 0.46 -15.61 9.41
CA VAL A 88 0.92 -14.27 9.07
C VAL A 88 0.83 -13.32 10.28
N ASP A 89 1.83 -12.45 10.42
CA ASP A 89 1.76 -11.33 11.32
C ASP A 89 0.99 -10.29 10.51
N PHE A 90 -0.26 -10.00 10.91
CA PHE A 90 -1.21 -9.13 10.15
C PHE A 90 -1.40 -7.77 10.83
N SER A 91 -1.38 -6.66 10.08
CA SER A 91 -1.65 -5.35 10.61
C SER A 91 -2.55 -4.54 9.63
N LEU A 92 -3.36 -3.64 10.16
CA LEU A 92 -4.16 -2.72 9.43
C LEU A 92 -3.88 -1.36 10.04
N LEU A 93 -3.41 -0.45 9.20
CA LEU A 93 -2.96 0.82 9.63
C LEU A 93 -4.02 1.83 9.08
N PRO A 94 -4.70 2.55 9.98
CA PRO A 94 -5.54 3.63 9.40
C PRO A 94 -4.71 4.77 8.83
N ILE A 95 -5.13 5.30 7.69
CA ILE A 95 -4.43 6.41 7.08
C ILE A 95 -5.33 7.65 7.07
N CYS A 96 -4.93 8.71 7.75
CA CYS A 96 -5.69 9.93 7.75
C CYS A 96 -5.21 10.90 6.71
N ASN A 97 -6.14 11.66 6.12
CA ASN A 97 -5.71 12.75 5.25
C ASN A 97 -5.31 14.00 6.07
N GLU A 98 -4.85 15.03 5.39
CA GLU A 98 -4.45 16.28 6.06
C GLU A 98 -5.56 16.80 7.00
N GLU A 99 -6.80 16.78 6.48
CA GLU A 99 -8.06 17.12 7.18
C GLU A 99 -8.46 16.26 8.36
N GLY A 100 -7.76 15.14 8.60
CA GLY A 100 -8.00 14.34 9.81
C GLY A 100 -8.99 13.17 9.66
N SER A 101 -9.49 12.93 8.46
CA SER A 101 -10.44 11.82 8.26
C SER A 101 -9.65 10.61 7.82
N ILE A 102 -10.11 9.42 8.20
CA ILE A 102 -9.51 8.19 7.72
C ILE A 102 -9.96 8.07 6.26
N VAL A 103 -9.00 8.03 5.33
CA VAL A 103 -9.29 7.92 3.88
C VAL A 103 -8.94 6.51 3.40
N TYR A 104 -7.99 5.85 4.03
CA TYR A 104 -7.63 4.49 3.59
C TYR A 104 -7.24 3.62 4.77
N LEU A 105 -7.14 2.32 4.53
CA LEU A 105 -6.49 1.39 5.45
C LEU A 105 -5.39 0.66 4.70
N LEU A 106 -4.23 0.47 5.36
CA LEU A 106 -3.16 -0.25 4.72
C LEU A 106 -3.06 -1.59 5.46
N ALA A 107 -3.35 -2.67 4.72
CA ALA A 107 -3.22 -4.07 5.19
C ALA A 107 -1.84 -4.55 4.85
N GLU A 108 -1.16 -5.10 5.87
CA GLU A 108 0.14 -5.68 5.68
C GLU A 108 0.26 -7.07 6.28
N GLY A 109 1.17 -7.89 5.74
CA GLY A 109 1.25 -9.26 6.20
C GLY A 109 2.66 -9.71 6.00
N ARG A 110 3.26 -10.27 7.05
CA ARG A 110 4.59 -10.94 6.94
C ARG A 110 4.37 -12.44 7.28
N ASN A 111 4.86 -13.34 6.43
CA ASN A 111 4.70 -14.80 6.65
C ASN A 111 5.56 -15.23 7.84
N ILE A 112 4.96 -15.88 8.85
CA ILE A 112 5.69 -16.29 10.07
C ILE A 112 5.56 -17.78 10.31
N THR A 113 5.24 -18.51 9.26
CA THR A 113 5.07 -19.95 9.34
C THR A 113 6.39 -20.58 9.74
N ASP A 114 7.50 -20.13 9.17
CA ASP A 114 8.82 -20.70 9.50
C ASP A 114 9.26 -20.48 10.96
N LYS A 115 8.93 -19.29 11.47
CA LYS A 115 9.24 -18.90 12.80
C LYS A 115 8.42 -19.73 13.79
N LYS A 116 7.11 -19.93 13.55
CA LYS A 116 6.27 -20.81 14.43
C LYS A 116 6.74 -22.26 14.46
N LYS A 117 7.19 -22.73 13.29
CA LYS A 117 7.58 -24.12 13.16
C LYS A 117 8.89 -24.32 13.94
N ALA A 118 9.90 -23.49 13.70
CA ALA A 118 11.15 -23.49 14.51
C ALA A 118 10.87 -23.44 16.02
N GLU A 119 10.01 -22.50 16.46
CA GLU A 119 9.64 -22.36 17.87
C GLU A 119 9.21 -23.69 18.45
N ALA A 120 8.42 -24.40 17.66
CA ALA A 120 7.85 -25.69 18.05
C ALA A 120 8.91 -26.80 18.09
N MET A 121 9.73 -26.98 17.03
CA MET A 121 10.92 -27.91 17.11
C MET A 121 11.79 -27.65 18.34
N LEU A 122 12.03 -26.38 18.64
CA LEU A 122 12.95 -26.13 19.75
C LEU A 122 12.31 -26.44 21.10
N ALA A 123 11.01 -26.14 21.26
CA ALA A 123 10.27 -26.54 22.48
C ALA A 123 10.31 -28.07 22.70
N LEU A 124 10.27 -28.82 21.58
CA LEU A 124 10.45 -30.29 21.61
C LEU A 124 11.85 -30.69 22.09
N LYS A 125 12.88 -30.06 21.52
CA LYS A 125 14.30 -30.35 21.87
C LYS A 125 14.60 -30.04 23.36
N ASN A 126 13.85 -29.09 23.90
CA ASN A 126 13.79 -28.76 25.33
C ASN A 126 13.36 -29.91 26.27
N GLN A 127 12.34 -30.69 25.93
CA GLN A 127 12.02 -31.88 26.77
C GLN A 127 13.06 -32.98 26.58
N GLU A 128 13.51 -33.15 25.34
CA GLU A 128 14.44 -34.24 24.96
C GLU A 128 15.92 -33.82 25.12
N MET B 3 -15.31 12.94 -1.89
CA MET B 3 -14.13 13.25 -2.77
C MET B 3 -13.79 12.04 -3.67
N ALA B 4 -13.81 12.23 -4.98
CA ALA B 4 -13.42 11.18 -5.97
C ALA B 4 -12.10 10.46 -5.69
N LEU B 5 -12.09 9.16 -5.92
CA LEU B 5 -10.87 8.40 -5.75
C LEU B 5 -9.70 8.95 -6.62
N TYR B 6 -8.47 8.86 -6.14
CA TYR B 6 -7.27 9.20 -6.93
C TYR B 6 -7.31 8.52 -8.28
N GLU B 7 -6.57 9.09 -9.21
CA GLU B 7 -6.21 8.43 -10.45
C GLU B 7 -4.88 7.68 -10.34
N PHE B 8 -3.97 8.27 -9.65
CA PHE B 8 -2.61 7.72 -9.50
C PHE B 8 -2.35 7.51 -8.04
N VAL B 9 -1.84 6.34 -7.66
CA VAL B 9 -1.44 6.17 -6.26
C VAL B 9 -0.14 5.41 -6.19
N GLY B 10 0.67 5.73 -5.20
CA GLY B 10 1.97 5.04 -5.00
C GLY B 10 2.26 4.92 -3.52
N LEU B 11 2.90 3.83 -3.14
CA LEU B 11 3.29 3.65 -1.76
C LEU B 11 4.79 3.82 -1.73
N LEU B 12 5.29 4.71 -0.90
CA LEU B 12 6.75 4.86 -0.81
C LEU B 12 7.19 4.51 0.59
N ASP B 13 8.47 4.16 0.78
CA ASP B 13 8.96 4.08 2.16
C ASP B 13 9.18 5.50 2.71
N ALA B 14 9.64 5.58 3.96
CA ALA B 14 9.88 6.88 4.60
C ALA B 14 10.94 7.73 3.98
N HIS B 15 11.73 7.17 3.08
CA HIS B 15 12.84 7.86 2.41
C HIS B 15 12.44 8.21 0.99
N GLY B 16 11.22 7.85 0.63
CA GLY B 16 10.77 8.14 -0.73
C GLY B 16 11.02 7.02 -1.77
N ASN B 17 11.53 5.84 -1.36
CA ASN B 17 11.79 4.78 -2.34
C ASN B 17 10.48 4.20 -2.76
N VAL B 18 10.33 3.94 -4.04
CA VAL B 18 9.10 3.33 -4.57
C VAL B 18 8.91 1.87 -4.08
N LEU B 19 7.70 1.59 -3.54
CA LEU B 19 7.35 0.25 -3.13
C LEU B 19 6.23 -0.34 -4.01
N GLU B 20 5.18 0.45 -4.30
CA GLU B 20 4.02 -0.08 -5.02
C GLU B 20 3.40 1.10 -5.78
N VAL B 21 2.78 0.86 -6.96
CA VAL B 21 2.19 1.94 -7.78
C VAL B 21 1.01 1.28 -8.52
N ASN B 22 -0.12 1.97 -8.62
CA ASN B 22 -1.25 1.38 -9.33
C ASN B 22 -1.04 1.37 -10.86
N GLN B 23 -1.77 0.51 -11.54
CA GLN B 23 -1.59 0.31 -12.96
C GLN B 23 -1.79 1.61 -13.77
N VAL B 24 -2.75 2.44 -13.34
CA VAL B 24 -3.02 3.64 -14.13
C VAL B 24 -1.80 4.56 -14.16
N ALA B 25 -1.14 4.76 -13.02
CA ALA B 25 0.11 5.56 -12.98
C ALA B 25 1.22 4.94 -13.79
N LEU B 26 1.46 3.63 -13.59
CA LEU B 26 2.47 2.89 -14.42
C LEU B 26 2.25 3.09 -15.94
N GLU B 27 1.03 2.85 -16.39
CA GLU B 27 0.64 3.05 -17.81
C GLU B 27 0.80 4.48 -18.31
N GLY B 28 0.47 5.45 -17.47
CA GLY B 28 0.38 6.80 -17.96
C GLY B 28 1.82 7.35 -18.07
N GLY B 29 2.71 6.91 -17.19
CA GLY B 29 4.09 7.39 -17.27
C GLY B 29 4.91 6.48 -18.15
N GLY B 30 4.31 5.35 -18.58
CA GLY B 30 5.02 4.38 -19.41
C GLY B 30 6.19 3.74 -18.67
N ILE B 31 5.92 3.19 -17.48
CA ILE B 31 6.98 2.65 -16.57
C ILE B 31 6.49 1.28 -16.05
N THR B 32 7.41 0.36 -15.69
CA THR B 32 7.04 -0.89 -15.04
C THR B 32 7.46 -0.80 -13.60
N LEU B 33 6.71 -1.44 -12.70
CA LEU B 33 7.10 -1.40 -11.31
C LEU B 33 8.55 -1.87 -11.12
N GLU B 34 8.99 -2.86 -11.90
CA GLU B 34 10.39 -3.35 -11.73
C GLU B 34 11.48 -2.35 -12.02
N GLU B 35 11.26 -1.47 -13.00
CA GLU B 35 12.14 -0.33 -13.31
C GLU B 35 12.36 0.64 -12.14
N ILE B 36 11.38 0.79 -11.27
CA ILE B 36 11.45 1.92 -10.30
C ILE B 36 11.42 1.44 -8.85
N ARG B 37 11.07 0.16 -8.63
CA ARG B 37 10.90 -0.32 -7.22
C ARG B 37 12.23 -0.24 -6.46
N GLY B 38 12.22 0.25 -5.23
CA GLY B 38 13.44 0.34 -4.42
C GLY B 38 14.25 1.62 -4.66
N LYS B 39 13.88 2.42 -5.67
CA LYS B 39 14.62 3.60 -6.01
C LYS B 39 13.80 4.84 -5.71
N PRO B 40 14.45 6.02 -5.58
CA PRO B 40 13.72 7.24 -5.17
C PRO B 40 12.58 7.62 -6.15
N PHE B 41 11.46 8.07 -5.62
CA PHE B 41 10.26 8.37 -6.46
C PHE B 41 10.54 9.46 -7.51
N TRP B 42 11.32 10.47 -7.12
CA TRP B 42 11.60 11.60 -8.00
C TRP B 42 12.48 11.24 -9.19
N LYS B 43 13.11 10.08 -9.10
CA LYS B 43 13.88 9.56 -10.24
C LYS B 43 12.97 8.90 -11.33
N ALA B 44 11.75 8.53 -10.97
CA ALA B 44 10.82 7.95 -11.95
C ALA B 44 10.31 8.96 -12.99
N ARG B 45 9.87 8.44 -14.14
CA ARG B 45 9.71 9.27 -15.37
C ARG B 45 8.65 10.30 -15.18
N TRP B 46 7.64 10.05 -14.32
CA TRP B 46 6.62 11.11 -14.10
C TRP B 46 7.26 12.48 -13.86
N TRP B 47 8.38 12.45 -13.15
CA TRP B 47 8.92 13.71 -12.57
C TRP B 47 10.08 14.22 -13.37
N GLN B 48 10.23 13.72 -14.59
CA GLN B 48 11.46 13.98 -15.35
C GLN B 48 11.31 15.01 -16.49
N ILE B 49 10.28 15.84 -16.46
CA ILE B 49 10.24 16.95 -17.44
C ILE B 49 11.57 17.73 -17.46
N SER B 50 12.12 18.04 -16.29
CA SER B 50 13.43 18.72 -16.23
C SER B 50 14.15 18.49 -14.90
N LYS B 51 15.38 18.99 -14.83
CA LYS B 51 16.14 18.83 -13.59
C LYS B 51 15.41 19.49 -12.41
N LYS B 52 14.75 20.59 -12.70
CA LYS B 52 13.99 21.27 -11.69
C LYS B 52 12.74 20.56 -11.23
N THR B 53 12.04 19.85 -12.14
CA THR B 53 10.86 19.12 -11.67
C THR B 53 11.34 17.96 -10.80
N GLU B 54 12.49 17.38 -11.15
CA GLU B 54 12.99 16.28 -10.33
C GLU B 54 13.35 16.83 -8.93
N ALA B 55 14.04 17.98 -8.88
CA ALA B 55 14.52 18.57 -7.63
C ALA B 55 13.34 19.00 -6.79
N THR B 56 12.30 19.54 -7.44
CA THR B 56 11.07 19.88 -6.77
C THR B 56 10.43 18.70 -6.06
N GLN B 57 10.39 17.57 -6.78
CA GLN B 57 9.75 16.36 -6.26
C GLN B 57 10.58 15.81 -5.13
N LYS B 58 11.90 15.89 -5.28
CA LYS B 58 12.76 15.40 -4.21
C LYS B 58 12.48 16.24 -2.95
N ARG B 59 12.38 17.55 -3.12
CA ARG B 59 12.09 18.40 -1.95
C ARG B 59 10.69 18.10 -1.28
N LEU B 60 9.65 17.82 -2.08
CA LEU B 60 8.33 17.48 -1.53
C LEU B 60 8.37 16.16 -0.80
N VAL B 61 9.17 15.21 -1.30
CA VAL B 61 9.24 13.90 -0.62
C VAL B 61 9.89 14.06 0.75
N GLU B 62 10.96 14.85 0.80
CA GLU B 62 11.75 15.04 2.02
C GLU B 62 10.88 15.75 3.04
N THR B 63 10.06 16.67 2.55
CA THR B 63 9.09 17.40 3.38
C THR B 63 8.08 16.42 4.00
N ALA B 64 7.60 15.49 3.19
CA ALA B 64 6.66 14.45 3.70
C ALA B 64 7.32 13.50 4.71
N SER B 65 8.57 13.10 4.42
CA SER B 65 9.42 12.23 5.26
C SER B 65 9.53 12.81 6.64
N SER B 66 9.61 14.12 6.72
CA SER B 66 9.69 14.74 8.05
C SER B 66 8.31 15.06 8.71
N GLY B 67 7.18 14.64 8.09
CA GLY B 67 5.85 14.61 8.73
C GLY B 67 4.90 15.66 8.17
N GLU B 68 5.39 16.50 7.25
CA GLU B 68 4.54 17.57 6.71
C GLU B 68 3.70 17.00 5.56
N PHE B 69 2.37 17.14 5.66
CA PHE B 69 1.47 16.75 4.55
C PHE B 69 1.72 17.69 3.37
N VAL B 70 1.76 17.17 2.17
CA VAL B 70 2.06 18.02 1.01
C VAL B 70 0.79 18.03 0.16
N ARG B 71 0.49 19.15 -0.42
CA ARG B 71 -0.49 19.14 -1.48
C ARG B 71 -0.16 20.25 -2.44
N CYS B 72 0.01 19.99 -3.72
CA CYS B 72 0.22 21.06 -4.69
C CYS B 72 -0.06 20.62 -6.13
N ASP B 73 -0.15 21.60 -7.05
CA ASP B 73 -0.35 21.34 -8.46
C ASP B 73 1.02 21.14 -9.09
N VAL B 74 1.13 20.18 -9.99
CA VAL B 74 2.42 19.82 -10.62
C VAL B 74 2.06 19.38 -12.05
N GLU B 75 3.02 19.48 -12.97
CA GLU B 75 2.91 18.84 -14.29
C GLU B 75 3.81 17.63 -14.31
N ILE B 76 3.31 16.50 -14.86
CA ILE B 76 4.07 15.28 -14.97
C ILE B 76 3.95 14.65 -16.35
N LEU B 77 4.89 13.80 -16.67
CA LEU B 77 4.79 12.97 -17.86
C LEU B 77 3.90 11.83 -17.44
N GLY B 78 2.60 11.98 -17.67
CA GLY B 78 1.71 11.05 -16.96
C GLY B 78 0.61 10.48 -17.78
N LYS B 79 0.61 10.76 -19.08
CA LYS B 79 -0.39 10.27 -19.98
C LYS B 79 0.25 9.62 -21.24
N SER B 80 -0.45 8.64 -21.82
CA SER B 80 -0.02 7.89 -23.01
C SER B 80 1.43 7.38 -22.92
N GLY B 81 1.73 6.67 -21.83
CA GLY B 81 3.01 5.91 -21.73
C GLY B 81 4.22 6.84 -21.67
N GLY B 82 4.03 8.00 -21.07
CA GLY B 82 5.11 8.96 -20.86
C GLY B 82 5.29 10.00 -21.99
N ARG B 83 4.39 10.06 -22.97
CA ARG B 83 4.43 10.96 -24.14
C ARG B 83 3.85 12.37 -23.83
N GLU B 84 2.85 12.43 -22.98
CA GLU B 84 2.04 13.66 -22.83
C GLU B 84 2.10 14.23 -21.41
N VAL B 85 2.25 15.52 -21.28
CA VAL B 85 2.30 16.14 -19.95
C VAL B 85 0.88 16.41 -19.47
N ILE B 86 0.56 16.09 -18.21
CA ILE B 86 -0.75 16.46 -17.66
C ILE B 86 -0.52 17.23 -16.35
N ALA B 87 -1.45 18.12 -16.01
CA ALA B 87 -1.47 18.83 -14.73
C ALA B 87 -2.16 17.91 -13.69
N VAL B 88 -1.54 17.76 -12.54
CA VAL B 88 -2.05 16.87 -11.51
C VAL B 88 -2.13 17.61 -10.21
N ASP B 89 -3.25 17.40 -9.52
CA ASP B 89 -3.41 17.81 -8.12
C ASP B 89 -2.76 16.75 -7.26
N PHE B 90 -1.59 17.07 -6.74
CA PHE B 90 -0.67 16.08 -6.14
C PHE B 90 -0.69 16.11 -4.61
N SER B 91 -0.66 14.96 -3.94
CA SER B 91 -0.51 15.01 -2.51
C SER B 91 0.37 13.86 -2.00
N LEU B 92 1.01 14.11 -0.88
CA LEU B 92 1.80 13.15 -0.16
C LEU B 92 1.34 13.13 1.27
N LEU B 93 0.96 11.93 1.73
CA LEU B 93 0.49 11.71 3.07
C LEU B 93 1.52 10.87 3.81
N PRO B 94 2.14 11.41 4.88
CA PRO B 94 3.01 10.54 5.75
C PRO B 94 2.13 9.51 6.45
N ILE B 95 2.55 8.25 6.50
CA ILE B 95 1.75 7.26 7.19
C ILE B 95 2.46 6.90 8.47
N CYS B 96 1.79 7.06 9.62
CA CYS B 96 2.45 6.81 10.89
C CYS B 96 1.99 5.56 11.56
N ASN B 97 2.88 5.01 12.38
CA ASN B 97 2.53 3.90 13.28
C ASN B 97 1.87 4.48 14.53
N GLU B 98 1.61 3.62 15.51
CA GLU B 98 0.97 4.10 16.73
C GLU B 98 1.86 5.01 17.53
N GLU B 99 3.17 4.76 17.44
CA GLU B 99 4.20 5.52 18.14
C GLU B 99 4.39 6.89 17.49
N GLY B 100 3.77 7.11 16.34
CA GLY B 100 3.98 8.39 15.66
C GLY B 100 5.14 8.44 14.67
N SER B 101 5.83 7.31 14.48
CA SER B 101 6.89 7.22 13.46
C SER B 101 6.34 7.12 12.08
N ILE B 102 6.93 7.89 11.16
CA ILE B 102 6.58 7.79 9.76
C ILE B 102 7.17 6.52 9.16
N VAL B 103 6.28 5.62 8.76
CA VAL B 103 6.72 4.32 8.20
C VAL B 103 6.58 4.23 6.62
N TYR B 104 5.62 4.97 6.01
CA TYR B 104 5.45 4.98 4.56
C TYR B 104 4.98 6.36 4.19
N LEU B 105 5.05 6.68 2.90
CA LEU B 105 4.32 7.84 2.36
C LEU B 105 3.36 7.36 1.31
N LEU B 106 2.18 8.00 1.24
CA LEU B 106 1.22 7.69 0.18
C LEU B 106 1.17 8.85 -0.82
N ALA B 107 1.58 8.62 -2.07
CA ALA B 107 1.55 9.66 -3.13
C ALA B 107 0.24 9.49 -3.84
N GLU B 108 -0.55 10.57 -3.95
CA GLU B 108 -1.80 10.50 -4.70
C GLU B 108 -1.84 11.56 -5.75
N GLY B 109 -2.45 11.21 -6.87
CA GLY B 109 -2.69 12.17 -7.90
C GLY B 109 -4.02 12.09 -8.59
N ARG B 110 -4.53 13.27 -8.93
N ARG B 110 -4.54 13.27 -8.90
CA ARG B 110 -5.84 13.40 -9.54
CA ARG B 110 -5.77 13.40 -9.61
C ARG B 110 -5.68 14.40 -10.70
C ARG B 110 -5.61 14.38 -10.74
N ASN B 111 -6.03 13.99 -11.94
CA ASN B 111 -5.91 14.83 -13.13
C ASN B 111 -6.67 16.12 -12.99
N ILE B 112 -6.07 17.21 -13.43
CA ILE B 112 -6.84 18.43 -13.52
C ILE B 112 -6.72 19.12 -14.90
N THR B 113 -6.19 18.46 -15.93
CA THR B 113 -5.86 19.11 -17.25
C THR B 113 -7.09 19.63 -18.05
N ASP B 114 -8.11 18.75 -18.18
CA ASP B 114 -9.47 19.11 -18.68
C ASP B 114 -10.16 19.91 -17.57
N LYS B 115 -9.94 21.23 -17.63
CA LYS B 115 -10.17 22.23 -16.54
C LYS B 115 -8.80 22.78 -16.09
N LYS B 116 -8.23 23.78 -16.77
CA LYS B 116 -8.72 24.26 -18.05
C LYS B 116 -7.74 23.82 -19.13
C8 XBZ C . -2.93 -7.12 0.73
C5 XBZ C . -2.95 -8.14 1.81
C4 XBZ C . -2.31 -7.96 3.03
C3 XBZ C . -2.43 -8.98 3.96
C9 XBZ C . -1.77 -8.95 5.29
C6 XBZ C . -3.69 -9.26 1.51
C7 XBZ C . -3.79 -10.29 2.41
C2 XBZ C . -3.19 -10.16 3.63
C1 XBZ C . -3.28 -11.22 4.65
C8 XBZ D . 2.34 6.54 -7.96
C5 XBZ D . 2.11 7.94 -8.29
C4 XBZ D . 2.65 8.40 -9.47
C3 XBZ D . 2.43 9.72 -9.78
C9 XBZ D . 2.96 10.38 -11.00
C6 XBZ D . 1.36 8.73 -7.44
C7 XBZ D . 1.12 10.08 -7.73
C2 XBZ D . 1.67 10.59 -8.89
C1 XBZ D . 1.49 12.00 -9.30
#